data_185D
#
_entry.id   185D
#
_cell.length_a   1.000
_cell.length_b   1.000
_cell.length_c   1.000
_cell.angle_alpha   90.00
_cell.angle_beta   90.00
_cell.angle_gamma   90.00
#
_symmetry.space_group_name_H-M   'P 1'
#
loop_
_entity.id
_entity.type
_entity.pdbx_description
1 polymer 'TRIOSTIN A'
2 polymer "DNA (5'-D(*GP*AP*CP*GP*TP*C)-3')"
3 non-polymer 2-CARBOXYQUINOXALINE
#
loop_
_entity_poly.entity_id
_entity_poly.type
_entity_poly.pdbx_seq_one_letter_code
_entity_poly.pdbx_strand_id
1 'polypeptide(L)' (DSN)A(NCY)(MVA)(DSN)A(NCY)(MVA) A
2 'polydeoxyribonucleotide' (DG)(DA)(DC)(DG)(DT)(DC) C,D
#
# COMPACT_ATOMS: atom_id res chain seq x y z
N ALA A 2 -3.60 -0.66 2.51
CA ALA A 2 -3.16 0.77 2.74
C ALA A 2 -2.15 1.18 1.64
N ALA A 6 4.05 -0.01 -1.36
CA ALA A 6 3.07 -0.61 -2.33
C ALA A 6 1.59 -0.26 -2.00
N ALA A 2 -3.32 -0.72 2.39
CA ALA A 2 -2.77 0.68 2.49
C ALA A 2 -1.74 1.00 1.38
N ALA A 6 3.87 -0.33 -1.24
CA ALA A 6 2.94 -1.04 -2.18
C ALA A 6 1.48 -0.58 -1.95
N ALA A 2 -3.11 -1.01 2.30
CA ALA A 2 -2.73 0.43 2.48
C ALA A 2 -1.75 0.90 1.37
N ALA A 6 4.02 -0.10 -1.34
CA ALA A 6 3.05 -0.68 -2.33
C ALA A 6 1.56 -0.38 -1.95
N ALA A 2 -3.36 -0.60 2.11
CA ALA A 2 -2.86 0.82 2.15
C ALA A 2 -1.58 0.99 1.28
N ALA A 6 3.66 -0.05 -1.81
CA ALA A 6 2.56 -0.57 -2.68
C ALA A 6 1.19 -0.54 -1.95
N ALA A 2 -3.31 -0.63 2.20
CA ALA A 2 -2.72 0.75 2.22
C ALA A 2 -1.38 0.84 1.42
N ALA A 6 3.70 0.00 -1.66
CA ALA A 6 2.61 -0.56 -2.54
C ALA A 6 1.23 -0.64 -1.81
#